data_3KET
#
_entry.id   3KET
#
_cell.length_a   48.720
_cell.length_b   107.030
_cell.length_c   153.950
_cell.angle_alpha   90.00
_cell.angle_beta   90.00
_cell.angle_gamma   90.00
#
_symmetry.space_group_name_H-M   'I 2 2 2'
#
loop_
_entity.id
_entity.type
_entity.pdbx_description
1 polymer 'Redox-sensing transcriptional repressor rex'
2 polymer "DNA (5'-D(*AP*AP*TP*TP*GP*TP*GP*AP*AP*AP*T)-3')"
3 polymer "DNA (5'-D(P*AP*TP*TP*TP*CP*AP*CP*AP*AP*TP*T)-3')"
4 non-polymer NICOTINAMIDE-ADENINE-DINUCLEOTIDE
5 non-polymer 'MAGNESIUM ION'
6 water water
#
loop_
_entity_poly.entity_id
_entity_poly.type
_entity_poly.pdbx_seq_one_letter_code
_entity_poly.pdbx_strand_id
1 'polypeptide(L)'
;MIMDKSIPKATAKRLSLYYRIFKRFNTDGIEKASSKQIADALGIDSATVRRDFSYFGELGRRGFGYDVKKLMNFFAEILN
DHSTTNVMLVGCGNIGRALLHYRFHDRNKMQISMAFDLDSNDLVGKTTEDGIPVYGISTINDHLIDSDIETAILTVPSTE
AQEVADILVKAGIKGILSFSPVHLTLPKDIIVQYVDLTSELQTLLYFMNQQR
;
A
2 'polydeoxyribonucleotide' (DA)(DA)(DT)(DT)(DG)(DT)(DG)(DA)(DA)(DA)(DT) B
3 'polydeoxyribonucleotide' (DA)(DT)(DT)(DT)(DC)(DA)(DC)(DA)(DA)(DT)(DT) C
#
# COMPACT_ATOMS: atom_id res chain seq x y z
N SER A 6 -12.84 -3.94 -8.28
CA SER A 6 -13.86 -4.30 -7.27
C SER A 6 -14.01 -5.79 -7.24
N ILE A 7 -14.94 -6.33 -8.02
CA ILE A 7 -14.79 -7.71 -8.38
C ILE A 7 -13.50 -7.61 -9.25
N PRO A 8 -13.55 -6.94 -10.43
CA PRO A 8 -12.45 -7.20 -11.39
C PRO A 8 -11.08 -6.67 -10.94
N LYS A 9 -10.09 -7.56 -10.97
CA LYS A 9 -8.75 -7.33 -10.45
C LYS A 9 -8.18 -6.03 -11.03
N ALA A 10 -8.45 -5.78 -12.31
CA ALA A 10 -7.93 -4.61 -13.02
C ALA A 10 -8.48 -3.33 -12.41
N THR A 11 -9.74 -3.36 -12.05
CA THR A 11 -10.38 -2.23 -11.42
C THR A 11 -9.94 -2.04 -9.98
N ALA A 12 -9.72 -3.13 -9.27
CA ALA A 12 -9.36 -3.07 -7.87
C ALA A 12 -7.98 -2.46 -7.72
N LYS A 13 -7.11 -2.71 -8.70
CA LYS A 13 -5.78 -2.10 -8.75
C LYS A 13 -5.79 -0.62 -9.07
N ARG A 14 -6.91 -0.08 -9.55
CA ARG A 14 -7.01 1.39 -9.83
C ARG A 14 -7.63 2.17 -8.67
N LEU A 15 -8.37 1.48 -7.80
CA LEU A 15 -9.12 2.15 -6.72
C LEU A 15 -8.26 3.16 -5.99
N SER A 16 -7.08 2.74 -5.59
CA SER A 16 -6.17 3.63 -4.92
C SER A 16 -5.77 4.85 -5.78
N LEU A 17 -5.68 4.65 -7.08
CA LEU A 17 -5.32 5.75 -7.98
C LEU A 17 -6.49 6.76 -8.05
N TYR A 18 -7.73 6.26 -8.15
CA TYR A 18 -8.90 7.12 -8.17
C TYR A 18 -9.03 7.91 -6.86
N TYR A 19 -8.79 7.25 -5.73
CA TYR A 19 -8.94 7.92 -4.45
C TYR A 19 -8.00 9.12 -4.37
N ARG A 20 -6.71 8.91 -4.71
CA ARG A 20 -5.75 9.99 -4.72
C ARG A 20 -6.22 11.16 -5.59
N ILE A 21 -6.69 10.86 -6.81
CA ILE A 21 -7.10 11.92 -7.71
C ILE A 21 -8.28 12.69 -7.15
N PHE A 22 -9.27 12.02 -6.57
CA PHE A 22 -10.43 12.75 -6.04
C PHE A 22 -10.03 13.60 -4.85
N LYS A 23 -9.11 13.08 -4.02
CA LYS A 23 -8.46 13.86 -2.93
C LYS A 23 -7.71 15.10 -3.42
N ARG A 24 -6.99 14.93 -4.51
CA ARG A 24 -6.22 16.05 -5.09
C ARG A 24 -7.12 17.15 -5.61
N PHE A 25 -8.18 16.75 -6.29
CA PHE A 25 -9.18 17.67 -6.73
C PHE A 25 -9.83 18.37 -5.54
N ASN A 26 -10.07 17.61 -4.50
CA ASN A 26 -10.73 18.18 -3.38
C ASN A 26 -9.86 19.25 -2.71
N THR A 27 -8.58 18.94 -2.52
CA THR A 27 -7.60 19.93 -2.08
C THR A 27 -7.54 21.14 -2.99
N ASP A 28 -7.52 20.94 -4.30
CA ASP A 28 -7.45 22.05 -5.25
C ASP A 28 -8.79 22.84 -5.40
N GLY A 29 -9.77 22.61 -4.54
CA GLY A 29 -11.04 23.36 -4.59
C GLY A 29 -11.96 23.04 -5.78
N ILE A 30 -11.64 21.98 -6.54
CA ILE A 30 -12.48 21.55 -7.66
C ILE A 30 -13.59 20.68 -7.10
N GLU A 31 -14.84 21.04 -7.38
CA GLU A 31 -16.01 20.37 -6.81
C GLU A 31 -16.62 19.30 -7.73
N LYS A 32 -16.43 19.44 -9.03
CA LYS A 32 -16.94 18.44 -9.98
C LYS A 32 -15.82 17.93 -10.87
N ALA A 33 -15.93 16.68 -11.31
CA ALA A 33 -14.94 16.11 -12.27
C ALA A 33 -15.63 15.22 -13.30
N SER A 34 -15.28 15.33 -14.57
CA SER A 34 -15.80 14.37 -15.51
C SER A 34 -14.86 13.18 -15.65
N SER A 35 -15.40 12.06 -16.09
CA SER A 35 -14.59 10.90 -16.40
C SER A 35 -13.46 11.17 -17.41
N LYS A 36 -13.60 12.12 -18.31
CA LYS A 36 -12.52 12.54 -19.18
C LYS A 36 -11.42 13.23 -18.36
N GLN A 37 -11.79 14.11 -17.43
CA GLN A 37 -10.79 14.77 -16.58
C GLN A 37 -10.07 13.74 -15.70
N ILE A 38 -10.80 12.81 -15.10
CA ILE A 38 -10.19 11.74 -14.31
C ILE A 38 -9.27 10.85 -15.19
N ALA A 39 -9.77 10.42 -16.34
CA ALA A 39 -8.96 9.65 -17.28
C ALA A 39 -7.65 10.39 -17.62
N ASP A 40 -7.72 11.70 -17.88
CA ASP A 40 -6.54 12.44 -18.28
C ASP A 40 -5.47 12.65 -17.18
N ALA A 41 -5.90 12.68 -15.93
CA ALA A 41 -5.03 12.86 -14.80
C ALA A 41 -4.39 11.55 -14.46
N LEU A 42 -5.07 10.47 -14.79
CA LEU A 42 -4.57 9.12 -14.55
C LEU A 42 -3.83 8.57 -15.75
N GLY A 43 -3.95 9.20 -16.91
CA GLY A 43 -3.37 8.65 -18.13
C GLY A 43 -4.06 7.44 -18.71
N ILE A 44 -5.33 7.21 -18.38
CA ILE A 44 -6.09 6.10 -18.98
C ILE A 44 -7.26 6.62 -19.84
N ASP A 45 -8.07 5.71 -20.39
CA ASP A 45 -9.23 6.08 -21.18
C ASP A 45 -10.47 6.30 -20.30
N SER A 46 -11.37 7.19 -20.75
CA SER A 46 -12.48 7.59 -19.90
C SER A 46 -13.51 6.48 -19.78
N ALA A 47 -13.61 5.63 -20.80
CA ALA A 47 -14.58 4.51 -20.80
C ALA A 47 -14.27 3.52 -19.69
N THR A 48 -13.00 3.40 -19.31
CA THR A 48 -12.59 2.50 -18.20
C THR A 48 -12.91 3.08 -16.82
N VAL A 49 -12.79 4.40 -16.68
CA VAL A 49 -13.20 5.10 -15.49
C VAL A 49 -14.70 4.85 -15.21
N ARG A 50 -15.51 5.09 -16.22
CA ARG A 50 -16.97 4.90 -16.12
C ARG A 50 -17.33 3.45 -15.85
N ARG A 51 -16.69 2.51 -16.54
CA ARG A 51 -16.98 1.09 -16.34
C ARG A 51 -16.49 0.67 -14.98
N ASP A 52 -15.28 1.12 -14.59
CA ASP A 52 -14.81 0.98 -13.19
C ASP A 52 -15.84 1.45 -12.14
N PHE A 53 -16.21 2.74 -12.18
CA PHE A 53 -17.17 3.27 -11.21
C PHE A 53 -18.54 2.51 -11.19
N SER A 54 -19.03 2.10 -12.35
CA SER A 54 -20.32 1.40 -12.51
C SER A 54 -20.38 0.04 -11.83
N TYR A 55 -19.24 -0.55 -11.46
CA TYR A 55 -19.28 -1.78 -10.64
C TYR A 55 -19.76 -1.48 -9.25
N PHE A 56 -19.59 -0.23 -8.84
CA PHE A 56 -20.01 0.21 -7.51
C PHE A 56 -21.40 0.81 -7.50
N GLY A 57 -22.06 0.81 -8.66
CA GLY A 57 -23.38 1.43 -8.82
C GLY A 57 -23.33 2.68 -9.70
N GLU A 58 -24.31 3.54 -9.54
CA GLU A 58 -24.44 4.74 -10.35
C GLU A 58 -23.98 5.91 -9.47
N LEU A 59 -22.74 6.33 -9.64
CA LEU A 59 -22.11 7.31 -8.74
C LEU A 59 -22.11 8.71 -9.34
N GLY A 60 -22.39 8.87 -10.62
CA GLY A 60 -22.34 10.21 -11.21
C GLY A 60 -23.73 10.74 -11.47
N ARG A 61 -23.80 11.84 -12.22
CA ARG A 61 -25.01 12.19 -12.96
C ARG A 61 -24.74 12.58 -14.42
N ARG A 62 -25.70 12.25 -15.26
CA ARG A 62 -25.62 12.37 -16.70
C ARG A 62 -25.56 13.83 -17.03
N GLY A 63 -24.64 14.19 -17.91
CA GLY A 63 -24.45 15.58 -18.25
C GLY A 63 -23.61 16.39 -17.28
N PHE A 64 -23.42 15.93 -16.05
CA PHE A 64 -22.64 16.71 -15.07
C PHE A 64 -21.23 16.15 -14.92
N GLY A 65 -21.12 14.86 -14.56
CA GLY A 65 -19.87 14.27 -14.09
C GLY A 65 -19.99 13.63 -12.72
N TYR A 66 -19.02 13.85 -11.85
CA TYR A 66 -19.04 13.28 -10.52
C TYR A 66 -18.76 14.37 -9.49
N ASP A 67 -19.49 14.32 -8.39
CA ASP A 67 -19.26 15.24 -7.29
C ASP A 67 -17.97 14.80 -6.64
N VAL A 68 -16.99 15.71 -6.60
CA VAL A 68 -15.69 15.36 -6.04
C VAL A 68 -15.81 14.98 -4.56
N LYS A 69 -16.38 15.77 -3.70
CA LYS A 69 -16.44 15.31 -2.30
C LYS A 69 -17.16 13.97 -2.11
N LYS A 70 -18.25 13.77 -2.83
CA LYS A 70 -19.05 12.54 -2.70
C LYS A 70 -18.24 11.33 -3.12
N LEU A 71 -17.44 11.50 -4.15
CA LEU A 71 -16.55 10.44 -4.58
C LEU A 71 -15.28 10.28 -3.70
N MET A 72 -14.73 11.37 -3.18
CA MET A 72 -13.62 11.24 -2.28
C MET A 72 -14.05 10.39 -1.10
N ASN A 73 -15.23 10.70 -0.56
CA ASN A 73 -15.67 10.01 0.61
C ASN A 73 -16.13 8.60 0.28
N PHE A 74 -16.65 8.38 -0.92
CA PHE A 74 -17.09 7.04 -1.25
C PHE A 74 -15.86 6.13 -1.34
N PHE A 75 -14.81 6.62 -2.01
CA PHE A 75 -13.59 5.80 -2.12
C PHE A 75 -12.85 5.59 -0.80
N ALA A 76 -12.92 6.57 0.09
CA ALA A 76 -12.32 6.39 1.41
C ALA A 76 -12.98 5.21 2.12
N GLU A 77 -14.30 5.05 1.93
CA GLU A 77 -15.04 3.94 2.54
C GLU A 77 -14.65 2.63 1.90
N ILE A 78 -14.54 2.61 0.58
CA ILE A 78 -14.16 1.38 -0.09
C ILE A 78 -12.78 0.95 0.35
N LEU A 79 -11.89 1.92 0.49
CA LEU A 79 -10.50 1.64 0.81
C LEU A 79 -10.25 1.47 2.32
N ASN A 80 -11.33 1.55 3.12
CA ASN A 80 -11.27 1.51 4.59
C ASN A 80 -10.37 2.59 5.13
N ASP A 81 -10.71 3.82 4.80
CA ASP A 81 -9.89 5.03 5.13
C ASP A 81 -10.66 5.97 6.12
N HIS A 82 -11.63 5.32 6.79
CA HIS A 82 -12.35 5.88 7.94
C HIS A 82 -12.03 5.04 9.19
N SER A 83 -10.80 4.55 9.23
CA SER A 83 -10.32 3.73 10.31
C SER A 83 -8.81 3.73 10.04
N THR A 84 -8.00 3.34 11.03
CA THR A 84 -6.55 3.45 10.94
C THR A 84 -5.91 2.10 10.83
N THR A 85 -5.02 1.88 9.87
CA THR A 85 -4.41 0.54 9.72
C THR A 85 -3.00 0.63 10.09
N ASN A 86 -2.62 -0.19 11.05
CA ASN A 86 -1.26 -0.23 11.53
C ASN A 86 -0.46 -1.33 10.77
N VAL A 87 0.72 -0.95 10.30
CA VAL A 87 1.55 -1.82 9.53
C VAL A 87 2.86 -1.95 10.25
N MET A 88 3.53 -3.09 10.14
CA MET A 88 4.91 -3.21 10.57
C MET A 88 5.87 -3.35 9.39
N LEU A 89 7.14 -3.02 9.62
CA LEU A 89 8.15 -3.11 8.55
C LEU A 89 9.29 -3.99 9.09
N VAL A 90 9.71 -4.99 8.31
CA VAL A 90 10.76 -5.89 8.69
C VAL A 90 11.92 -5.79 7.74
N GLY A 91 13.07 -5.47 8.28
CA GLY A 91 14.26 -5.22 7.48
C GLY A 91 14.51 -3.74 7.34
N CYS A 92 15.20 -3.17 8.33
CA CYS A 92 15.57 -1.76 8.35
C CYS A 92 16.88 -1.47 7.58
N GLY A 93 16.86 -1.76 6.27
CA GLY A 93 18.05 -1.65 5.41
C GLY A 93 17.77 -0.57 4.37
N ASN A 94 18.27 -0.70 3.14
CA ASN A 94 18.11 0.40 2.17
C ASN A 94 16.67 0.75 1.90
N ILE A 95 15.84 -0.15 1.32
CA ILE A 95 14.48 0.29 1.07
C ILE A 95 13.68 0.40 2.35
N GLY A 96 13.99 -0.45 3.33
CA GLY A 96 13.34 -0.41 4.62
C GLY A 96 13.32 0.98 5.17
N ARG A 97 14.49 1.56 5.26
CA ARG A 97 14.57 2.89 5.80
C ARG A 97 13.87 3.93 4.89
N ALA A 98 13.92 3.79 3.56
CA ALA A 98 13.21 4.78 2.72
C ALA A 98 11.75 4.83 3.11
N LEU A 99 11.18 3.68 3.37
CA LEU A 99 9.75 3.57 3.71
C LEU A 99 9.44 4.09 5.12
N LEU A 100 10.29 3.72 6.06
CA LEU A 100 10.15 4.12 7.45
C LEU A 100 10.09 5.64 7.58
N HIS A 101 10.83 6.35 6.75
CA HIS A 101 10.85 7.77 6.79
C HIS A 101 9.78 8.42 5.92
N TYR A 102 8.93 7.65 5.28
CA TYR A 102 7.87 8.25 4.45
C TYR A 102 6.58 8.34 5.25
N ARG A 103 6.03 9.55 5.29
CA ARG A 103 4.83 9.78 6.12
C ARG A 103 3.59 9.37 5.30
N PHE A 104 3.33 8.07 5.30
CA PHE A 104 2.13 7.49 4.66
C PHE A 104 0.87 8.10 5.26
N HIS A 105 0.95 8.45 6.53
CA HIS A 105 -0.22 8.90 7.26
C HIS A 105 -0.63 10.34 6.99
N ASP A 106 0.24 11.13 6.37
CA ASP A 106 -0.11 12.48 5.97
C ASP A 106 -1.20 12.48 4.85
N ARG A 107 -1.32 11.40 4.08
CA ARG A 107 -2.24 11.32 2.93
C ARG A 107 -3.35 10.28 3.05
N ASN A 108 -3.10 9.19 3.78
CA ASN A 108 -4.06 8.14 4.05
C ASN A 108 -4.00 7.69 5.49
N LYS A 109 -4.97 6.84 5.86
CA LYS A 109 -5.10 6.35 7.20
C LYS A 109 -4.44 5.02 7.38
N MET A 110 -3.15 4.99 7.07
CA MET A 110 -2.19 3.92 7.30
C MET A 110 -1.02 4.50 8.05
N GLN A 111 -0.30 3.65 8.76
CA GLN A 111 0.96 4.06 9.32
C GLN A 111 1.78 2.83 9.72
N ILE A 112 3.10 3.00 9.66
CA ILE A 112 3.99 1.96 10.11
C ILE A 112 4.19 2.35 11.55
N SER A 113 3.70 1.52 12.45
CA SER A 113 3.68 1.80 13.84
C SER A 113 4.81 1.13 14.58
N MET A 114 5.51 0.18 13.94
CA MET A 114 6.74 -0.43 14.47
C MET A 114 7.59 -1.09 13.37
N ALA A 115 8.88 -1.30 13.66
CA ALA A 115 9.72 -2.02 12.75
C ALA A 115 10.55 -3.06 13.45
N PHE A 116 11.09 -3.97 12.63
CA PHE A 116 11.96 -5.03 13.14
C PHE A 116 13.25 -5.17 12.39
N ASP A 117 14.32 -5.57 13.06
CA ASP A 117 15.56 -5.99 12.34
C ASP A 117 16.19 -7.13 13.14
N LEU A 118 17.32 -7.66 12.66
CA LEU A 118 18.08 -8.61 13.48
C LEU A 118 18.27 -8.01 14.85
N ASP A 119 18.21 -8.86 15.85
CA ASP A 119 18.40 -8.44 17.24
C ASP A 119 19.71 -7.72 17.48
N SER A 120 20.70 -8.01 16.68
CA SER A 120 22.00 -7.38 16.79
C SER A 120 22.10 -6.07 16.00
N ASN A 121 21.11 -5.69 15.22
CA ASN A 121 21.16 -4.42 14.55
C ASN A 121 21.25 -3.27 15.57
N ASP A 122 22.00 -2.23 15.22
CA ASP A 122 22.24 -1.10 16.13
C ASP A 122 21.08 -0.19 16.37
N LEU A 123 20.11 -0.24 15.47
CA LEU A 123 18.82 0.48 15.58
C LEU A 123 17.83 -0.21 16.53
N VAL A 124 18.03 -1.49 16.88
CA VAL A 124 17.09 -2.19 17.73
C VAL A 124 17.24 -1.56 19.13
N GLY A 125 16.12 -1.30 19.79
CA GLY A 125 16.11 -0.62 21.06
C GLY A 125 15.88 0.90 21.00
N LYS A 126 15.83 1.44 19.77
CA LYS A 126 15.74 2.87 19.53
C LYS A 126 14.43 3.18 18.76
N THR A 127 14.28 4.44 18.38
CA THR A 127 13.27 4.80 17.44
C THR A 127 13.86 5.52 16.21
N THR A 128 13.09 5.46 15.15
CA THR A 128 13.12 6.38 14.03
C THR A 128 13.07 7.86 14.46
N GLU A 129 13.60 8.72 13.63
CA GLU A 129 13.45 10.15 13.82
C GLU A 129 12.01 10.61 13.91
N ASP A 130 11.09 9.80 13.38
CA ASP A 130 9.65 10.07 13.46
C ASP A 130 8.90 9.33 14.60
N GLY A 131 9.65 8.72 15.52
CA GLY A 131 9.06 8.01 16.69
C GLY A 131 8.65 6.55 16.44
N ILE A 132 9.09 5.93 15.37
CA ILE A 132 8.70 4.57 15.15
C ILE A 132 9.70 3.67 15.83
N PRO A 133 9.28 2.84 16.79
CA PRO A 133 10.22 2.01 17.50
C PRO A 133 10.66 0.84 16.67
N VAL A 134 11.91 0.44 16.85
CA VAL A 134 12.53 -0.67 16.16
C VAL A 134 12.86 -1.75 17.16
N TYR A 135 12.49 -2.99 16.86
CA TYR A 135 12.79 -4.07 17.77
C TYR A 135 13.51 -5.24 17.10
N GLY A 136 14.09 -6.12 17.91
CA GLY A 136 14.60 -7.37 17.38
C GLY A 136 13.53 -8.34 16.85
N ILE A 137 13.82 -8.95 15.70
CA ILE A 137 12.93 -9.90 15.10
C ILE A 137 12.58 -11.04 16.08
N SER A 138 13.44 -11.40 17.02
CA SER A 138 13.06 -12.51 17.92
C SER A 138 11.93 -12.12 18.91
N THR A 139 11.59 -10.84 19.00
CA THR A 139 10.59 -10.40 19.96
C THR A 139 9.24 -10.17 19.27
N ILE A 140 9.13 -10.55 18.01
CA ILE A 140 7.96 -10.20 17.21
C ILE A 140 6.63 -10.61 17.85
N ASN A 141 6.60 -11.78 18.48
CA ASN A 141 5.39 -12.29 19.15
C ASN A 141 4.98 -11.42 20.31
N ASP A 142 5.95 -10.88 21.04
CA ASP A 142 5.66 -10.04 22.20
C ASP A 142 5.00 -8.72 21.76
N HIS A 143 5.57 -8.09 20.74
CA HIS A 143 5.10 -6.77 20.32
C HIS A 143 3.85 -6.85 19.48
N LEU A 144 3.62 -7.98 18.86
CA LEU A 144 2.41 -8.15 18.10
C LEU A 144 1.13 -8.19 18.96
N ILE A 145 1.28 -8.31 20.28
CA ILE A 145 0.15 -8.30 21.21
C ILE A 145 -0.32 -6.84 21.43
N ASP A 146 -1.61 -6.59 21.23
CA ASP A 146 -2.20 -5.23 21.32
C ASP A 146 -1.75 -4.13 20.30
N SER A 147 -0.79 -4.44 19.44
CA SER A 147 -0.65 -3.73 18.18
C SER A 147 -1.91 -4.19 17.44
N ASP A 148 -2.42 -3.46 16.50
CA ASP A 148 -3.55 -4.03 15.77
C ASP A 148 -2.99 -4.50 14.38
N ILE A 149 -1.77 -5.00 14.36
CA ILE A 149 -1.04 -5.20 13.15
C ILE A 149 -1.30 -6.59 12.59
N GLU A 150 -1.78 -6.62 11.37
CA GLU A 150 -1.78 -7.87 10.65
C GLU A 150 -1.24 -7.73 9.20
N THR A 151 -0.43 -6.67 8.97
CA THR A 151 0.11 -6.36 7.65
C THR A 151 1.56 -6.07 7.80
N ALA A 152 2.42 -6.67 6.95
CA ALA A 152 3.86 -6.42 7.05
C ALA A 152 4.43 -5.92 5.74
N ILE A 153 5.34 -4.97 5.84
CA ILE A 153 6.22 -4.63 4.74
C ILE A 153 7.49 -5.44 4.98
N LEU A 154 7.93 -6.18 3.97
CA LEU A 154 9.08 -7.10 4.02
C LEU A 154 10.22 -6.66 3.09
N THR A 155 11.29 -6.25 3.71
CA THR A 155 12.39 -5.60 3.08
C THR A 155 13.70 -6.16 3.69
N VAL A 156 13.81 -7.50 3.67
CA VAL A 156 15.02 -8.21 4.18
C VAL A 156 15.72 -8.70 2.92
N PRO A 157 16.97 -9.19 3.04
CA PRO A 157 17.59 -9.72 1.81
C PRO A 157 16.78 -10.90 1.20
N SER A 158 16.84 -11.07 -0.11
CA SER A 158 16.19 -12.14 -0.81
C SER A 158 16.42 -13.50 -0.18
N THR A 159 17.66 -13.83 0.15
CA THR A 159 17.93 -15.11 0.77
C THR A 159 17.21 -15.30 2.09
N GLU A 160 16.65 -14.24 2.71
CA GLU A 160 15.95 -14.41 4.00
C GLU A 160 14.44 -14.20 3.92
N ALA A 161 13.91 -13.95 2.72
CA ALA A 161 12.54 -13.53 2.58
C ALA A 161 11.62 -14.67 3.07
N GLN A 162 11.92 -15.91 2.66
CA GLN A 162 10.98 -17.01 2.91
C GLN A 162 10.98 -17.28 4.39
N GLU A 163 12.21 -17.35 4.95
CA GLU A 163 12.36 -17.63 6.36
C GLU A 163 11.67 -16.55 7.19
N VAL A 164 11.82 -15.27 6.84
CA VAL A 164 11.14 -14.22 7.61
C VAL A 164 9.60 -14.14 7.32
N ALA A 165 9.16 -14.49 6.12
CA ALA A 165 7.75 -14.50 5.81
C ALA A 165 7.03 -15.54 6.69
N ASP A 166 7.67 -16.70 6.87
CA ASP A 166 7.12 -17.74 7.73
C ASP A 166 6.99 -17.29 9.19
N ILE A 167 8.00 -16.54 9.70
CA ILE A 167 7.95 -16.02 11.05
C ILE A 167 6.72 -15.07 11.13
N LEU A 168 6.52 -14.23 10.11
CA LEU A 168 5.45 -13.25 10.17
C LEU A 168 4.11 -13.92 10.22
N VAL A 169 3.91 -14.93 9.37
CA VAL A 169 2.67 -15.68 9.30
C VAL A 169 2.34 -16.43 10.56
N LYS A 170 3.33 -17.17 11.06
CA LYS A 170 3.27 -17.89 12.35
C LYS A 170 2.77 -16.90 13.41
N ALA A 171 3.32 -15.69 13.41
CA ALA A 171 3.05 -14.68 14.46
C ALA A 171 1.78 -13.91 14.28
N GLY A 172 1.13 -14.07 13.12
CA GLY A 172 -0.23 -13.59 12.93
C GLY A 172 -0.47 -12.68 11.75
N ILE A 173 0.58 -12.38 10.99
CA ILE A 173 0.49 -11.46 9.87
C ILE A 173 -0.37 -12.09 8.75
N LYS A 174 -1.29 -11.31 8.17
CA LYS A 174 -2.21 -11.81 7.14
C LYS A 174 -1.98 -11.24 5.74
N GLY A 175 -1.12 -10.26 5.62
CA GLY A 175 -0.89 -9.64 4.32
C GLY A 175 0.51 -9.15 4.31
N ILE A 176 1.24 -9.35 3.18
CA ILE A 176 2.64 -8.95 3.06
C ILE A 176 2.87 -8.19 1.79
N LEU A 177 3.50 -7.01 1.90
CA LEU A 177 4.09 -6.32 0.74
C LEU A 177 5.58 -6.61 0.73
N SER A 178 6.05 -7.34 -0.28
CA SER A 178 7.42 -7.81 -0.31
C SER A 178 8.22 -7.21 -1.43
N PHE A 179 9.41 -6.73 -1.08
CA PHE A 179 10.33 -6.09 -2.01
C PHE A 179 11.36 -7.11 -2.53
N SER A 180 11.43 -8.31 -1.95
CA SER A 180 12.26 -9.38 -2.46
C SER A 180 11.69 -10.03 -3.71
N PRO A 181 12.52 -10.24 -4.72
CA PRO A 181 12.05 -10.86 -5.94
C PRO A 181 12.05 -12.37 -5.82
N VAL A 182 11.23 -12.91 -4.91
CA VAL A 182 11.25 -14.33 -4.58
C VAL A 182 9.82 -14.63 -4.20
N HIS A 183 9.23 -15.52 -4.98
CA HIS A 183 7.88 -16.00 -4.77
C HIS A 183 7.86 -16.62 -3.43
N LEU A 184 7.01 -16.10 -2.55
CA LEU A 184 6.87 -16.68 -1.20
C LEU A 184 5.83 -17.83 -1.22
N THR A 185 6.22 -18.95 -0.64
CA THR A 185 5.31 -20.07 -0.53
C THR A 185 4.66 -20.03 0.85
N LEU A 186 3.38 -19.67 0.88
CA LEU A 186 2.65 -19.40 2.08
C LEU A 186 1.20 -19.82 1.82
N PRO A 187 0.40 -20.03 2.91
CA PRO A 187 -0.97 -20.49 2.69
C PRO A 187 -1.79 -19.51 1.90
N LYS A 188 -2.79 -19.99 1.19
CA LYS A 188 -3.48 -19.11 0.23
C LYS A 188 -4.35 -18.03 0.86
N ASP A 189 -4.60 -18.10 2.18
CA ASP A 189 -5.39 -17.05 2.80
C ASP A 189 -4.55 -15.80 3.06
N ILE A 190 -3.23 -15.95 2.99
CA ILE A 190 -2.27 -14.87 3.23
C ILE A 190 -2.00 -14.15 1.88
N ILE A 191 -2.35 -12.87 1.85
CA ILE A 191 -2.26 -12.09 0.63
C ILE A 191 -0.86 -11.52 0.54
N VAL A 192 -0.23 -11.70 -0.62
CA VAL A 192 1.12 -11.21 -0.85
C VAL A 192 1.11 -10.42 -2.12
N GLN A 193 1.61 -9.20 -2.01
CA GLN A 193 1.77 -8.24 -3.10
C GLN A 193 3.27 -8.02 -3.24
N TYR A 194 3.79 -8.09 -4.46
CA TYR A 194 5.19 -7.95 -4.70
C TYR A 194 5.49 -6.58 -5.29
N VAL A 195 6.60 -5.99 -4.86
CA VAL A 195 7.26 -4.91 -5.61
C VAL A 195 8.65 -5.39 -5.98
N ASP A 196 8.96 -5.25 -7.26
CA ASP A 196 10.22 -5.77 -7.84
C ASP A 196 10.97 -4.68 -8.60
N LEU A 197 11.84 -3.95 -7.94
CA LEU A 197 12.40 -2.71 -8.49
C LEU A 197 13.38 -2.95 -9.62
N THR A 198 14.17 -4.03 -9.53
CA THR A 198 15.08 -4.37 -10.61
C THR A 198 14.32 -4.76 -11.84
N SER A 199 13.27 -5.53 -11.66
CA SER A 199 12.47 -5.94 -12.81
C SER A 199 11.75 -4.77 -13.47
N GLU A 200 11.38 -3.79 -12.67
CA GLU A 200 10.73 -2.59 -13.19
C GLU A 200 11.72 -1.77 -14.03
N LEU A 201 12.96 -1.61 -13.53
CA LEU A 201 13.98 -0.88 -14.23
C LEU A 201 14.38 -1.61 -15.53
N GLN A 202 14.64 -2.91 -15.42
CA GLN A 202 15.02 -3.71 -16.58
C GLN A 202 13.88 -3.78 -17.62
N THR A 203 12.63 -3.71 -17.17
CA THR A 203 11.48 -3.73 -18.11
C THR A 203 11.33 -2.40 -18.82
N LEU A 204 11.53 -1.29 -18.11
CA LEU A 204 11.67 0.02 -18.75
C LEU A 204 12.66 -0.08 -19.90
N LEU A 205 13.86 -0.64 -19.64
CA LEU A 205 14.92 -0.74 -20.67
C LEU A 205 14.46 -1.65 -21.83
N TYR A 206 13.80 -2.74 -21.52
CA TYR A 206 13.23 -3.54 -22.63
C TYR A 206 12.26 -2.71 -23.49
N PHE A 207 11.37 -1.93 -22.88
CA PHE A 207 10.45 -1.14 -23.70
C PHE A 207 11.24 -0.10 -24.53
N MET A 208 12.26 0.52 -23.95
CA MET A 208 13.06 1.52 -24.69
C MET A 208 13.77 0.96 -25.91
N ASN A 209 14.14 -0.31 -25.88
CA ASN A 209 14.90 -0.90 -26.98
C ASN A 209 14.03 -1.48 -28.10
N GLN A 210 12.73 -1.64 -27.85
CA GLN A 210 11.72 -1.94 -28.90
C GLN A 210 11.07 -0.64 -29.47
#